data_3RF0
#
_entry.id   3RF0
#
_cell.length_a   60.412
_cell.length_b   71.083
_cell.length_c   60.195
_cell.angle_alpha   90.00
_cell.angle_beta   118.29
_cell.angle_gamma   90.00
#
_symmetry.space_group_name_H-M   'P 1 21 1'
#
loop_
_entity.id
_entity.type
_entity.pdbx_description
1 polymer Exopolyphosphatase
2 non-polymer 'NITRATE ION'
3 non-polymer 'FORMIC ACID'
4 water water
#
_entity_poly.entity_id   1
_entity_poly.type   'polypeptide(L)'
_entity_poly.pdbx_seq_one_letter_code
;RHQDIRQRTAKSLADHYNIDREQARRVLETTEQLYTQWLAQNTKLVQPQLEALLKWAA(MSE)LHEVGLSINHSG(MSE)
HRHSAYILQNTNLPGFNQEQQTLLATLVR(MSE)HRKAIKLDELPRLNLFKKKYYLPLIQLLRLSTLLNNQRQSTTTPES
LRLITDDSHWTLRFPHGYLTQNSLVQLDFEREQAYWDDVVGWKLVIEEEEPDEAAKVAPEE
;
_entity_poly.pdbx_strand_id   A,B
#
# COMPACT_ATOMS: atom_id res chain seq x y z
N HIS A 2 4.56 -37.76 -0.94
CA HIS A 2 4.30 -36.41 -1.44
C HIS A 2 4.49 -35.36 -0.35
N GLN A 3 4.18 -35.73 0.89
CA GLN A 3 4.34 -34.86 2.04
C GLN A 3 5.78 -34.41 2.18
N ASP A 4 6.70 -35.37 2.20
N ASP A 4 6.69 -35.39 2.23
CA ASP A 4 8.10 -35.07 2.39
CA ASP A 4 8.12 -35.12 2.38
C ASP A 4 8.76 -34.54 1.11
C ASP A 4 8.74 -34.52 1.11
N ILE A 5 8.25 -34.94 -0.04
CA ILE A 5 8.72 -34.40 -1.33
C ILE A 5 8.41 -32.89 -1.37
N ARG A 6 7.18 -32.55 -1.04
CA ARG A 6 6.79 -31.14 -1.07
C ARG A 6 7.60 -30.33 -0.06
N GLN A 7 7.89 -30.92 1.10
CA GLN A 7 8.63 -30.19 2.12
C GLN A 7 10.01 -29.86 1.58
N ARG A 8 10.61 -30.82 0.89
N ARG A 8 10.60 -30.84 0.90
CA ARG A 8 11.91 -30.61 0.25
CA ARG A 8 11.88 -30.68 0.23
C ARG A 8 11.85 -29.51 -0.80
C ARG A 8 11.83 -29.53 -0.77
N THR A 9 10.86 -29.59 -1.67
CA THR A 9 10.65 -28.57 -2.68
C THR A 9 10.49 -27.16 -2.08
N ALA A 10 9.59 -27.04 -1.10
CA ALA A 10 9.38 -25.76 -0.42
C ALA A 10 10.67 -25.25 0.24
N LYS A 11 11.46 -26.16 0.79
CA LYS A 11 12.71 -25.76 1.44
C LYS A 11 13.71 -25.28 0.39
N SER A 12 13.72 -25.94 -0.76
CA SER A 12 14.63 -25.52 -1.83
C SER A 12 14.28 -24.11 -2.33
N LEU A 13 12.98 -23.82 -2.44
CA LEU A 13 12.52 -22.49 -2.85
C LEU A 13 12.81 -21.43 -1.80
N ALA A 14 12.56 -21.78 -0.54
CA ALA A 14 12.84 -20.88 0.57
C ALA A 14 14.32 -20.51 0.66
N ASP A 15 15.19 -21.49 0.49
CA ASP A 15 16.64 -21.24 0.51
C ASP A 15 17.11 -20.45 -0.71
N HIS A 16 16.61 -20.81 -1.89
CA HIS A 16 17.08 -20.15 -3.10
C HIS A 16 16.67 -18.69 -3.14
N TYR A 17 15.44 -18.41 -2.75
CA TYR A 17 14.89 -17.04 -2.80
C TYR A 17 15.05 -16.26 -1.50
N ASN A 18 15.62 -16.90 -0.48
N ASN A 18 15.64 -16.90 -0.50
CA ASN A 18 15.84 -16.25 0.81
CA ASN A 18 15.86 -16.28 0.81
C ASN A 18 14.55 -15.71 1.39
C ASN A 18 14.57 -15.72 1.39
N ILE A 19 13.54 -16.57 1.43
CA ILE A 19 12.25 -16.14 1.90
C ILE A 19 12.35 -15.88 3.41
N ASP A 20 11.60 -14.88 3.89
CA ASP A 20 11.65 -14.58 5.33
C ASP A 20 10.79 -15.66 6.01
N ARG A 21 11.45 -16.54 6.76
N ARG A 21 11.48 -16.50 6.78
CA ARG A 21 10.76 -17.70 7.32
CA ARG A 21 10.89 -17.69 7.38
C ARG A 21 9.89 -17.31 8.52
C ARG A 21 9.93 -17.32 8.51
N GLU A 22 10.31 -16.29 9.26
CA GLU A 22 9.50 -15.81 10.39
C GLU A 22 8.15 -15.26 9.90
N GLN A 23 8.20 -14.61 8.75
CA GLN A 23 7.03 -14.01 8.16
C GLN A 23 6.13 -15.09 7.57
N ALA A 24 6.72 -16.06 6.90
CA ALA A 24 5.95 -17.21 6.38
C ALA A 24 5.22 -17.91 7.53
N ARG A 25 5.95 -18.05 8.65
CA ARG A 25 5.39 -18.79 9.78
C ARG A 25 4.29 -18.03 10.50
N ARG A 26 4.40 -16.72 10.63
CA ARG A 26 3.30 -15.97 11.25
C ARG A 26 2.06 -15.96 10.35
N VAL A 27 2.26 -15.82 9.04
CA VAL A 27 1.15 -15.92 8.09
C VAL A 27 0.47 -17.29 8.17
N LEU A 28 1.25 -18.38 8.19
CA LEU A 28 0.69 -19.73 8.27
C LEU A 28 -0.11 -19.89 9.55
N GLU A 29 0.48 -19.46 10.66
CA GLU A 29 -0.21 -19.57 11.94
C GLU A 29 -1.59 -18.87 11.94
N THR A 30 -1.64 -17.62 11.46
CA THR A 30 -2.93 -16.94 11.36
C THR A 30 -3.85 -17.74 10.44
N THR A 31 -3.28 -18.22 9.34
CA THR A 31 -4.07 -18.88 8.32
C THR A 31 -4.70 -20.13 8.94
N GLU A 32 -3.90 -20.86 9.69
CA GLU A 32 -4.40 -22.10 10.32
C GLU A 32 -5.46 -21.81 11.37
N GLN A 33 -5.33 -20.70 12.09
N GLN A 33 -5.30 -20.72 12.11
CA GLN A 33 -6.31 -20.37 13.13
CA GLN A 33 -6.30 -20.36 13.13
C GLN A 33 -7.67 -20.03 12.51
C GLN A 33 -7.64 -20.09 12.47
N LEU A 34 -7.61 -19.32 11.39
CA LEU A 34 -8.84 -18.94 10.68
C LEU A 34 -9.44 -20.15 9.99
N TYR A 35 -8.59 -21.01 9.43
CA TYR A 35 -9.04 -22.20 8.72
C TYR A 35 -9.86 -23.11 9.65
N THR A 36 -9.42 -23.24 10.89
CA THR A 36 -10.16 -24.10 11.84
C THR A 36 -11.57 -23.58 12.10
N GLN A 37 -11.66 -22.27 12.26
CA GLN A 37 -12.92 -21.63 12.50
C GLN A 37 -13.80 -21.75 11.25
N TRP A 38 -13.18 -21.54 10.10
CA TRP A 38 -13.90 -21.61 8.82
C TRP A 38 -14.49 -23.03 8.61
N LEU A 39 -13.65 -24.05 8.80
CA LEU A 39 -14.01 -25.42 8.47
C LEU A 39 -15.28 -25.83 9.23
N ALA A 40 -15.29 -25.58 10.52
CA ALA A 40 -16.45 -25.95 11.37
C ALA A 40 -17.75 -25.37 10.83
N GLN A 41 -17.68 -24.17 10.25
CA GLN A 41 -18.86 -23.51 9.73
C GLN A 41 -19.15 -23.86 8.28
N ASN A 42 -18.18 -24.45 7.58
CA ASN A 42 -18.53 -24.94 6.26
C ASN A 42 -17.97 -26.33 6.17
N THR A 43 -18.75 -27.32 6.58
CA THR A 43 -18.16 -28.63 6.57
C THR A 43 -18.36 -29.24 5.20
N LYS A 44 -19.35 -28.75 4.46
CA LYS A 44 -19.61 -29.37 3.16
C LYS A 44 -18.49 -29.05 2.18
N LEU A 45 -17.69 -28.03 2.52
CA LEU A 45 -16.57 -27.62 1.67
C LEU A 45 -15.19 -28.23 2.04
N VAL A 46 -15.16 -29.13 3.02
CA VAL A 46 -13.91 -29.76 3.47
C VAL A 46 -13.14 -30.44 2.33
N GLN A 47 -11.89 -30.04 2.19
CA GLN A 47 -11.02 -30.53 1.11
C GLN A 47 -9.54 -30.61 1.54
N PRO A 48 -9.11 -31.73 2.13
CA PRO A 48 -7.77 -31.75 2.72
C PRO A 48 -6.63 -31.49 1.73
N GLN A 49 -6.79 -31.83 0.46
CA GLN A 49 -5.73 -31.52 -0.49
C GLN A 49 -5.62 -30.00 -0.65
N LEU A 50 -6.76 -29.32 -0.64
CA LEU A 50 -6.72 -27.85 -0.84
C LEU A 50 -6.20 -27.18 0.44
N GLU A 51 -6.54 -27.75 1.58
CA GLU A 51 -5.97 -27.28 2.83
C GLU A 51 -4.45 -27.31 2.78
N ALA A 52 -3.89 -28.41 2.28
CA ALA A 52 -2.43 -28.54 2.15
C ALA A 52 -1.85 -27.48 1.22
N LEU A 53 -2.50 -27.29 0.07
CA LEU A 53 -2.03 -26.27 -0.86
C LEU A 53 -2.13 -24.86 -0.25
N LEU A 54 -3.15 -24.59 0.55
CA LEU A 54 -3.24 -23.31 1.19
C LEU A 54 -2.03 -23.11 2.13
N LYS A 55 -1.65 -24.17 2.81
CA LYS A 55 -0.49 -24.15 3.69
C LYS A 55 0.78 -23.78 2.91
N TRP A 56 0.96 -24.37 1.74
CA TRP A 56 2.15 -24.06 0.96
C TRP A 56 2.05 -22.66 0.35
N ALA A 57 0.84 -22.19 0.04
CA ALA A 57 0.65 -20.80 -0.41
C ALA A 57 1.09 -19.84 0.69
N ALA A 58 0.67 -20.13 1.92
CA ALA A 58 1.13 -19.30 3.04
C ALA A 58 2.64 -19.32 3.17
N LEU A 60 4.93 -19.92 0.80
CA LEU A 60 5.63 -19.46 -0.41
C LEU A 60 5.22 -18.13 -1.04
N HIS A 61 4.25 -17.44 -0.45
CA HIS A 61 3.64 -16.25 -1.09
C HIS A 61 4.57 -15.09 -1.33
N GLU A 62 5.69 -15.05 -0.62
CA GLU A 62 6.71 -14.01 -0.84
C GLU A 62 7.89 -14.35 -1.80
N VAL A 63 7.83 -15.50 -2.45
N VAL A 63 7.85 -15.51 -2.43
CA VAL A 63 8.94 -15.96 -3.29
CA VAL A 63 8.95 -15.93 -3.30
C VAL A 63 9.29 -14.92 -4.39
C VAL A 63 9.32 -14.84 -4.32
N GLY A 64 8.31 -14.10 -4.75
CA GLY A 64 8.46 -13.13 -5.83
C GLY A 64 8.97 -11.78 -5.41
N LEU A 65 9.29 -11.66 -4.12
CA LEU A 65 9.64 -10.39 -3.55
C LEU A 65 10.89 -9.82 -4.20
N SER A 66 11.85 -10.67 -4.56
N SER A 66 11.84 -10.67 -4.57
CA SER A 66 13.08 -10.19 -5.17
CA SER A 66 13.09 -10.18 -5.16
C SER A 66 12.87 -9.65 -6.57
C SER A 66 12.87 -9.67 -6.58
N ILE A 67 11.77 -10.04 -7.21
CA ILE A 67 11.43 -9.41 -8.47
C ILE A 67 10.91 -8.01 -8.10
N ASN A 68 9.81 -7.92 -7.37
CA ASN A 68 9.43 -6.60 -6.88
C ASN A 68 8.51 -6.70 -5.70
N HIS A 69 8.53 -5.72 -4.80
N HIS A 69 8.52 -5.71 -4.80
CA HIS A 69 7.49 -5.65 -3.76
CA HIS A 69 7.49 -5.66 -3.77
C HIS A 69 6.18 -5.16 -4.38
C HIS A 69 6.18 -5.17 -4.38
N SER A 70 6.30 -4.33 -5.41
CA SER A 70 5.16 -3.83 -6.11
C SER A 70 4.73 -4.94 -7.09
N GLY A 71 3.50 -5.45 -6.89
CA GLY A 71 3.02 -6.57 -7.68
C GLY A 71 3.54 -7.91 -7.17
N HIS A 73 2.48 -10.32 -5.39
CA HIS A 73 1.57 -11.44 -5.53
C HIS A 73 1.63 -12.05 -6.93
N ARG A 74 1.65 -11.19 -7.95
CA ARG A 74 1.77 -11.65 -9.35
C ARG A 74 3.13 -12.29 -9.64
N HIS A 75 4.20 -11.71 -9.09
N HIS A 75 4.20 -11.71 -9.07
CA HIS A 75 5.56 -12.24 -9.33
CA HIS A 75 5.55 -12.23 -9.31
C HIS A 75 5.77 -13.59 -8.62
C HIS A 75 5.80 -13.57 -8.61
N SER A 76 5.25 -13.73 -7.40
CA SER A 76 5.36 -14.97 -6.69
C SER A 76 4.55 -16.00 -7.49
N ALA A 77 3.37 -15.61 -7.95
CA ALA A 77 2.54 -16.58 -8.69
C ALA A 77 3.27 -17.03 -9.97
N TYR A 78 3.94 -16.09 -10.64
CA TYR A 78 4.67 -16.40 -11.87
C TYR A 78 5.75 -17.47 -11.63
N ILE A 79 6.54 -17.25 -10.57
CA ILE A 79 7.58 -18.21 -10.22
C ILE A 79 6.95 -19.56 -9.87
N LEU A 80 5.88 -19.56 -9.07
CA LEU A 80 5.30 -20.82 -8.62
C LEU A 80 4.68 -21.57 -9.79
N GLN A 81 4.11 -20.86 -10.75
CA GLN A 81 3.49 -21.51 -11.91
C GLN A 81 4.51 -22.12 -12.86
N ASN A 82 5.63 -21.43 -13.01
CA ASN A 82 6.64 -21.82 -13.97
C ASN A 82 7.89 -22.62 -13.58
N THR A 83 8.17 -22.72 -12.27
N THR A 83 8.19 -22.71 -12.28
CA THR A 83 9.30 -23.50 -11.78
CA THR A 83 9.31 -23.51 -11.84
C THR A 83 8.92 -24.97 -11.66
C THR A 83 8.91 -24.97 -11.70
N ASN A 84 9.89 -25.87 -11.81
CA ASN A 84 9.63 -27.30 -11.57
C ASN A 84 9.39 -27.47 -10.07
N LEU A 85 8.24 -28.03 -9.71
CA LEU A 85 7.89 -28.21 -8.30
C LEU A 85 7.64 -29.69 -7.98
N PRO A 86 8.71 -30.44 -7.68
CA PRO A 86 8.47 -31.87 -7.37
C PRO A 86 7.41 -32.02 -6.25
N GLY A 87 6.46 -32.93 -6.46
CA GLY A 87 5.40 -33.16 -5.48
C GLY A 87 4.12 -32.40 -5.72
N PHE A 88 4.12 -31.52 -6.71
CA PHE A 88 2.92 -30.84 -7.15
C PHE A 88 2.59 -31.26 -8.58
N ASN A 89 1.45 -31.92 -8.81
CA ASN A 89 1.10 -32.22 -10.19
C ASN A 89 0.62 -30.93 -10.86
N GLN A 90 0.23 -30.98 -12.13
CA GLN A 90 0.00 -29.73 -12.84
C GLN A 90 -1.15 -28.90 -12.27
N GLU A 91 -2.26 -29.56 -11.94
CA GLU A 91 -3.37 -28.79 -11.43
C GLU A 91 -3.10 -28.30 -10.00
N GLN A 92 -2.42 -29.08 -9.20
CA GLN A 92 -2.07 -28.59 -7.86
C GLN A 92 -1.13 -27.38 -7.97
N GLN A 93 -0.18 -27.50 -8.89
CA GLN A 93 0.78 -26.42 -9.12
C GLN A 93 0.02 -25.15 -9.54
N THR A 94 -0.90 -25.31 -10.47
CA THR A 94 -1.69 -24.20 -10.94
C THR A 94 -2.55 -23.58 -9.82
N LEU A 95 -3.16 -24.42 -9.02
CA LEU A 95 -3.98 -23.92 -7.94
C LEU A 95 -3.12 -23.21 -6.89
N LEU A 96 -1.96 -23.79 -6.57
CA LEU A 96 -1.03 -23.12 -5.65
C LEU A 96 -0.74 -21.69 -6.15
N ALA A 97 -0.35 -21.58 -7.41
CA ALA A 97 -0.01 -20.27 -7.97
C ALA A 97 -1.20 -19.32 -7.93
N THR A 98 -2.39 -19.87 -8.17
CA THR A 98 -3.63 -19.07 -8.15
C THR A 98 -3.94 -18.49 -6.76
N LEU A 99 -3.82 -19.33 -5.73
CA LEU A 99 -4.01 -18.81 -4.37
C LEU A 99 -3.11 -17.58 -4.11
N VAL A 100 -1.86 -17.68 -4.51
CA VAL A 100 -0.89 -16.60 -4.27
C VAL A 100 -1.17 -15.38 -5.16
N ARG A 101 -1.47 -15.63 -6.42
CA ARG A 101 -1.75 -14.52 -7.34
C ARG A 101 -2.86 -13.63 -6.84
N HIS A 103 -3.89 -13.15 -3.64
CA HIS A 103 -3.88 -12.86 -2.18
C HIS A 103 -3.87 -11.37 -1.75
N ARG A 104 -3.77 -10.49 -2.73
CA ARG A 104 -3.88 -9.05 -2.44
C ARG A 104 -4.26 -8.26 -3.69
N LYS A 105 -4.61 -7.00 -3.44
CA LYS A 105 -5.12 -6.00 -4.36
C LYS A 105 -6.38 -6.44 -5.07
N ALA A 106 -6.60 -5.99 -6.29
CA ALA A 106 -7.96 -6.14 -6.83
C ALA A 106 -8.12 -7.50 -7.46
N ILE A 107 -9.23 -8.16 -7.15
CA ILE A 107 -9.50 -9.52 -7.60
C ILE A 107 -10.33 -9.57 -8.88
N LYS A 108 -9.92 -10.37 -9.85
CA LYS A 108 -10.76 -10.61 -11.02
C LYS A 108 -11.10 -12.09 -11.14
N LEU A 109 -12.37 -12.44 -10.90
CA LEU A 109 -12.77 -13.85 -10.94
C LEU A 109 -12.67 -14.41 -12.37
N ASP A 110 -12.63 -13.53 -13.35
CA ASP A 110 -12.52 -13.92 -14.76
C ASP A 110 -11.12 -14.39 -15.15
N GLU A 111 -10.15 -14.22 -14.27
CA GLU A 111 -8.82 -14.75 -14.49
C GLU A 111 -8.63 -16.15 -13.88
N LEU A 112 -9.71 -16.70 -13.33
CA LEU A 112 -9.68 -18.04 -12.74
C LEU A 112 -9.36 -19.13 -13.77
N PRO A 113 -8.41 -20.02 -13.42
CA PRO A 113 -7.89 -21.07 -14.30
C PRO A 113 -8.91 -22.20 -14.48
N ARG A 114 -8.86 -22.91 -15.61
CA ARG A 114 -9.65 -24.14 -15.75
C ARG A 114 -8.95 -25.30 -15.05
N LEU A 115 -9.65 -25.91 -14.09
CA LEU A 115 -9.13 -27.00 -13.28
C LEU A 115 -10.17 -28.08 -13.16
N ASN A 116 -9.86 -29.26 -13.65
CA ASN A 116 -10.80 -30.38 -13.54
C ASN A 116 -10.92 -30.89 -12.09
N LEU A 117 -9.83 -30.80 -11.34
CA LEU A 117 -9.75 -31.37 -10.01
C LEU A 117 -10.36 -30.53 -8.91
N PHE A 118 -10.34 -29.21 -9.10
CA PHE A 118 -10.70 -28.30 -8.04
C PHE A 118 -11.76 -27.32 -8.51
N LYS A 119 -12.91 -27.32 -7.83
CA LYS A 119 -14.02 -26.42 -8.13
C LYS A 119 -13.92 -25.17 -7.30
N LYS A 120 -14.29 -24.04 -7.88
N LYS A 120 -14.30 -24.06 -7.91
CA LYS A 120 -14.11 -22.77 -7.19
CA LYS A 120 -14.23 -22.75 -7.27
C LYS A 120 -14.90 -22.63 -5.89
C LYS A 120 -14.83 -22.75 -5.87
N LYS A 121 -15.97 -23.42 -5.70
CA LYS A 121 -16.66 -23.36 -4.42
C LYS A 121 -15.75 -23.86 -3.27
N TYR A 122 -14.88 -24.82 -3.58
CA TYR A 122 -13.91 -25.30 -2.59
C TYR A 122 -12.70 -24.41 -2.36
N TYR A 123 -12.13 -23.83 -3.41
CA TYR A 123 -10.96 -22.95 -3.18
C TYR A 123 -11.15 -21.43 -3.07
N LEU A 124 -12.30 -20.90 -3.46
CA LEU A 124 -12.48 -19.46 -3.30
C LEU A 124 -12.41 -19.00 -1.84
N PRO A 125 -13.04 -19.76 -0.94
CA PRO A 125 -12.93 -19.33 0.46
C PRO A 125 -11.51 -19.40 1.01
N LEU A 126 -10.69 -20.30 0.44
CA LEU A 126 -9.29 -20.41 0.83
C LEU A 126 -8.51 -19.18 0.34
N ILE A 127 -8.85 -18.68 -0.85
CA ILE A 127 -8.29 -17.37 -1.23
C ILE A 127 -8.66 -16.28 -0.22
N GLN A 128 -9.94 -16.27 0.22
CA GLN A 128 -10.39 -15.27 1.19
C GLN A 128 -9.62 -15.43 2.51
N LEU A 129 -9.38 -16.66 2.96
CA LEU A 129 -8.56 -16.88 4.17
C LEU A 129 -7.15 -16.28 4.02
N LEU A 130 -6.49 -16.60 2.91
CA LEU A 130 -5.11 -16.15 2.66
C LEU A 130 -5.03 -14.63 2.53
N ARG A 131 -6.04 -14.03 1.90
CA ARG A 131 -6.10 -12.56 1.84
C ARG A 131 -6.11 -11.94 3.24
N LEU A 132 -6.93 -12.49 4.12
CA LEU A 132 -7.00 -11.98 5.49
C LEU A 132 -5.72 -12.24 6.29
N SER A 133 -5.19 -13.45 6.18
N SER A 133 -5.16 -13.44 6.17
CA SER A 133 -4.03 -13.80 7.00
CA SER A 133 -4.03 -13.79 7.01
C SER A 133 -2.77 -13.02 6.59
C SER A 133 -2.73 -13.11 6.58
N THR A 134 -2.60 -12.80 5.29
CA THR A 134 -1.42 -12.08 4.83
C THR A 134 -1.61 -10.60 5.19
N LEU A 135 -2.86 -10.12 5.13
CA LEU A 135 -3.13 -8.73 5.45
C LEU A 135 -2.87 -8.47 6.94
N LEU A 136 -3.36 -9.35 7.80
CA LEU A 136 -3.20 -9.15 9.24
C LEU A 136 -1.74 -9.03 9.66
N ASN A 137 -0.86 -9.72 8.92
CA ASN A 137 0.56 -9.80 9.21
C ASN A 137 1.45 -8.82 8.44
N ASN A 138 0.87 -7.86 7.74
CA ASN A 138 1.69 -7.09 6.81
C ASN A 138 2.70 -6.13 7.45
N GLN A 139 2.57 -5.92 8.75
CA GLN A 139 3.58 -5.15 9.49
C GLN A 139 4.77 -5.99 9.94
N ARG A 140 4.78 -7.27 9.54
CA ARG A 140 5.91 -8.17 9.76
C ARG A 140 6.27 -8.25 11.24
N GLN A 141 7.56 -8.10 11.57
CA GLN A 141 7.99 -8.25 12.96
C GLN A 141 7.28 -7.27 13.89
N SER A 142 6.76 -6.19 13.32
CA SER A 142 6.10 -5.15 14.09
C SER A 142 4.62 -5.46 14.30
N THR A 143 4.14 -6.54 13.69
CA THR A 143 2.74 -6.94 13.87
C THR A 143 2.38 -7.05 15.35
N THR A 144 1.24 -6.49 15.71
CA THR A 144 0.65 -6.73 17.03
C THR A 144 -0.51 -7.70 16.80
N THR A 145 -0.30 -8.95 17.21
CA THR A 145 -1.27 -10.02 17.00
C THR A 145 -2.46 -9.85 17.94
N PRO A 146 -3.68 -9.83 17.38
CA PRO A 146 -4.86 -9.75 18.25
C PRO A 146 -4.89 -10.93 19.22
N GLU A 147 -5.29 -10.66 20.46
N GLU A 147 -5.30 -10.67 20.46
CA GLU A 147 -5.34 -11.72 21.46
CA GLU A 147 -5.33 -11.72 21.46
C GLU A 147 -6.37 -12.77 21.06
C GLU A 147 -6.46 -12.72 21.18
N SER A 148 -7.39 -12.32 20.32
CA SER A 148 -8.41 -13.22 19.78
C SER A 148 -8.89 -12.71 18.41
N LEU A 149 -9.27 -13.60 17.51
CA LEU A 149 -9.89 -13.18 16.26
C LEU A 149 -10.98 -14.19 15.91
N ARG A 150 -12.24 -13.76 15.84
CA ARG A 150 -13.35 -14.68 15.61
C ARG A 150 -13.82 -14.50 14.17
N LEU A 151 -14.02 -15.59 13.45
CA LEU A 151 -14.50 -15.48 12.07
C LEU A 151 -15.83 -16.15 11.97
N ILE A 152 -16.84 -15.39 11.55
CA ILE A 152 -18.19 -15.94 11.42
C ILE A 152 -18.58 -15.92 9.93
N THR A 153 -19.01 -17.03 9.36
CA THR A 153 -19.28 -17.06 7.91
C THR A 153 -20.71 -17.47 7.63
N ASP A 154 -21.33 -16.90 6.59
CA ASP A 154 -22.45 -17.61 5.94
C ASP A 154 -22.06 -17.62 4.47
N ASP A 155 -21.64 -18.78 3.99
N ASP A 155 -21.64 -18.79 4.00
CA ASP A 155 -20.95 -18.86 2.70
CA ASP A 155 -20.90 -18.88 2.73
C ASP A 155 -19.82 -17.81 2.65
C ASP A 155 -19.80 -17.81 2.66
N SER A 156 -19.80 -17.02 1.58
CA SER A 156 -18.75 -15.99 1.43
C SER A 156 -19.06 -14.61 2.04
N HIS A 157 -20.16 -14.48 2.79
CA HIS A 157 -20.34 -13.30 3.61
C HIS A 157 -19.68 -13.58 4.96
N TRP A 158 -18.66 -12.80 5.28
CA TRP A 158 -17.82 -13.08 6.43
C TRP A 158 -17.79 -11.90 7.38
N THR A 159 -17.72 -12.22 8.67
CA THR A 159 -17.56 -11.21 9.72
C THR A 159 -16.31 -11.57 10.51
N LEU A 160 -15.41 -10.60 10.70
CA LEU A 160 -14.21 -10.80 11.47
C LEU A 160 -14.37 -9.92 12.70
N ARG A 161 -14.26 -10.54 13.87
CA ARG A 161 -14.48 -9.81 15.10
C ARG A 161 -13.19 -9.73 15.91
N PHE A 162 -12.69 -8.52 16.07
CA PHE A 162 -11.44 -8.25 16.80
C PHE A 162 -11.71 -8.07 18.29
N PRO A 163 -10.65 -8.14 19.10
CA PRO A 163 -10.80 -7.83 20.53
C PRO A 163 -11.27 -6.40 20.76
N HIS A 164 -11.90 -6.13 21.89
CA HIS A 164 -12.35 -4.78 22.20
C HIS A 164 -11.15 -3.85 22.25
N GLY A 165 -11.28 -2.71 21.59
CA GLY A 165 -10.25 -1.69 21.58
C GLY A 165 -9.12 -1.90 20.60
N TYR A 166 -9.08 -3.08 19.97
CA TYR A 166 -7.95 -3.44 19.10
C TYR A 166 -7.80 -2.54 17.86
N LEU A 167 -8.90 -2.30 17.15
CA LEU A 167 -8.86 -1.47 15.95
C LEU A 167 -8.43 -0.03 16.23
N THR A 168 -8.98 0.54 17.30
CA THR A 168 -8.61 1.89 17.69
C THR A 168 -7.11 1.96 18.00
N GLN A 169 -6.59 0.90 18.58
N GLN A 169 -6.60 0.89 18.59
CA GLN A 169 -5.20 0.87 19.00
CA GLN A 169 -5.21 0.83 19.02
C GLN A 169 -4.26 0.57 17.85
C GLN A 169 -4.26 0.54 17.86
N ASN A 170 -4.74 -0.20 16.86
CA ASN A 170 -3.93 -0.42 15.70
C ASN A 170 -4.63 0.17 14.49
N SER A 171 -4.29 1.41 14.17
CA SER A 171 -5.07 2.15 13.20
C SER A 171 -4.74 1.76 11.77
N LEU A 172 -3.48 1.39 11.54
CA LEU A 172 -3.07 1.00 10.19
C LEU A 172 -3.75 -0.35 9.85
N VAL A 173 -3.88 -1.23 10.85
CA VAL A 173 -4.63 -2.47 10.61
C VAL A 173 -6.06 -2.15 10.19
N GLN A 174 -6.68 -1.23 10.94
CA GLN A 174 -8.06 -0.87 10.64
C GLN A 174 -8.17 -0.30 9.24
N LEU A 175 -7.22 0.58 8.87
N LEU A 175 -7.21 0.56 8.88
CA LEU A 175 -7.27 1.16 7.54
CA LEU A 175 -7.21 1.17 7.57
C LEU A 175 -7.10 0.08 6.46
C LEU A 175 -7.09 0.09 6.48
N ASP A 176 -6.20 -0.88 6.71
CA ASP A 176 -5.96 -1.96 5.75
C ASP A 176 -7.21 -2.82 5.62
N PHE A 177 -7.86 -3.11 6.74
CA PHE A 177 -9.09 -3.88 6.66
C PHE A 177 -10.27 -3.15 6.00
N GLU A 178 -10.34 -1.82 6.12
N GLU A 178 -10.34 -1.83 6.14
CA GLU A 178 -11.39 -1.09 5.43
CA GLU A 178 -11.35 -1.07 5.43
C GLU A 178 -11.13 -1.16 3.92
C GLU A 178 -11.13 -1.21 3.93
N ARG A 179 -9.87 -1.14 3.51
CA ARG A 179 -9.54 -1.25 2.09
C ARG A 179 -9.95 -2.64 1.57
N GLU A 180 -9.74 -3.66 2.41
CA GLU A 180 -10.12 -5.02 2.00
C GLU A 180 -11.64 -5.14 1.83
N GLN A 181 -12.39 -4.55 2.74
CA GLN A 181 -13.83 -4.59 2.62
C GLN A 181 -14.24 -3.98 1.29
N ALA A 182 -13.61 -2.85 0.94
CA ALA A 182 -13.88 -2.25 -0.36
C ALA A 182 -13.56 -3.20 -1.50
N TYR A 183 -12.43 -3.94 -1.41
CA TYR A 183 -12.09 -4.92 -2.45
C TYR A 183 -13.17 -5.98 -2.51
N TRP A 184 -13.61 -6.48 -1.36
CA TRP A 184 -14.71 -7.48 -1.40
C TRP A 184 -16.01 -6.90 -1.96
N ASP A 185 -16.27 -5.59 -1.78
CA ASP A 185 -17.50 -5.03 -2.31
C ASP A 185 -17.56 -5.06 -3.86
N ASP A 186 -16.43 -5.32 -4.48
CA ASP A 186 -16.33 -5.54 -5.94
C ASP A 186 -16.34 -7.02 -6.37
N VAL A 187 -16.37 -7.95 -5.41
CA VAL A 187 -16.35 -9.37 -5.80
C VAL A 187 -17.71 -10.01 -5.54
N VAL A 188 -18.34 -10.55 -6.59
CA VAL A 188 -19.64 -11.19 -6.43
C VAL A 188 -19.64 -12.29 -5.34
N GLY A 189 -20.64 -12.27 -4.46
CA GLY A 189 -20.71 -13.28 -3.43
C GLY A 189 -19.88 -13.04 -2.17
N TRP A 190 -18.91 -12.12 -2.24
CA TRP A 190 -18.09 -11.81 -1.06
C TRP A 190 -18.55 -10.55 -0.35
N LYS A 191 -18.63 -10.61 0.97
N LYS A 191 -18.62 -10.61 0.98
CA LYS A 191 -18.84 -9.41 1.76
CA LYS A 191 -18.88 -9.42 1.77
C LYS A 191 -18.08 -9.54 3.05
C LYS A 191 -18.10 -9.53 3.06
N LEU A 192 -17.45 -8.45 3.47
CA LEU A 192 -16.65 -8.48 4.70
C LEU A 192 -17.14 -7.46 5.70
N VAL A 193 -17.45 -7.93 6.89
CA VAL A 193 -17.92 -7.05 7.96
C VAL A 193 -16.89 -7.12 9.08
N ILE A 194 -16.58 -5.97 9.64
CA ILE A 194 -15.54 -5.87 10.65
C ILE A 194 -16.22 -5.47 11.94
N GLU A 195 -15.96 -6.22 13.00
CA GLU A 195 -16.61 -6.01 14.28
C GLU A 195 -15.60 -6.04 15.41
N GLU A 196 -16.04 -5.66 16.59
N GLU A 196 -16.06 -5.66 16.60
CA GLU A 196 -15.17 -5.70 17.76
CA GLU A 196 -15.25 -5.60 17.80
C GLU A 196 -15.95 -6.25 18.97
C GLU A 196 -15.98 -6.31 18.95
N GLU A 197 -15.27 -7.09 19.75
CA GLU A 197 -15.87 -7.73 20.91
C GLU A 197 -16.35 -6.66 21.86
N GLU A 198 -17.40 -6.97 22.61
CA GLU A 198 -17.88 -6.09 23.68
C GLU A 198 -16.83 -6.01 24.77
N PRO A 199 -16.89 -4.96 25.61
CA PRO A 199 -15.93 -4.87 26.72
C PRO A 199 -16.10 -6.00 27.73
N ASP A 200 -17.32 -6.49 27.92
CA ASP A 200 -17.64 -7.51 28.92
C ASP A 200 -16.68 -7.50 30.12
N ARG B 1 -20.15 14.73 -10.48
CA ARG B 1 -19.95 15.90 -9.63
C ARG B 1 -18.79 16.78 -10.10
N HIS B 2 -18.63 17.89 -9.40
CA HIS B 2 -17.44 18.70 -9.58
C HIS B 2 -16.16 17.87 -9.41
N GLN B 3 -16.20 16.80 -8.60
CA GLN B 3 -15.07 15.86 -8.46
C GLN B 3 -14.62 15.29 -9.79
N ASP B 4 -15.59 14.85 -10.59
CA ASP B 4 -15.32 14.26 -11.90
C ASP B 4 -14.67 15.26 -12.86
N ILE B 5 -15.19 16.47 -12.85
CA ILE B 5 -14.67 17.49 -13.72
C ILE B 5 -13.28 17.89 -13.26
N ARG B 6 -13.05 17.95 -11.95
CA ARG B 6 -11.68 18.28 -11.49
C ARG B 6 -10.64 17.28 -12.07
N GLN B 7 -11.00 16.01 -12.09
CA GLN B 7 -10.13 14.97 -12.63
C GLN B 7 -9.88 15.14 -14.13
N ARG B 8 -10.94 15.46 -14.86
N ARG B 8 -10.94 15.47 -14.88
CA ARG B 8 -10.84 15.73 -16.30
CA ARG B 8 -10.80 15.72 -16.31
C ARG B 8 -9.92 16.92 -16.54
C ARG B 8 -9.91 16.93 -16.56
N THR B 9 -10.14 17.98 -15.77
CA THR B 9 -9.34 19.19 -15.85
C THR B 9 -7.87 18.90 -15.60
N ALA B 10 -7.58 18.10 -14.59
CA ALA B 10 -6.21 17.78 -14.22
C ALA B 10 -5.49 17.01 -15.31
N LYS B 11 -6.17 16.01 -15.85
N LYS B 11 -6.18 16.01 -15.86
N LYS B 11 -6.15 15.99 -15.86
CA LYS B 11 -5.61 15.21 -16.94
CA LYS B 11 -5.61 15.20 -16.93
CA LYS B 11 -5.56 15.22 -16.95
C LYS B 11 -5.37 16.05 -18.19
C LYS B 11 -5.37 16.04 -18.19
C LYS B 11 -5.35 16.07 -18.19
N SER B 12 -6.30 16.95 -18.49
CA SER B 12 -6.16 17.81 -19.67
C SER B 12 -4.98 18.78 -19.52
N LEU B 13 -4.77 19.26 -18.30
CA LEU B 13 -3.64 20.16 -18.01
C LEU B 13 -2.31 19.45 -18.11
N ALA B 14 -2.22 18.24 -17.55
CA ALA B 14 -1.02 17.40 -17.70
C ALA B 14 -0.69 17.19 -19.18
N ASP B 15 -1.70 16.80 -19.95
CA ASP B 15 -1.54 16.59 -21.38
C ASP B 15 -1.05 17.83 -22.12
N HIS B 16 -1.68 18.98 -21.86
CA HIS B 16 -1.28 20.22 -22.50
C HIS B 16 0.17 20.61 -22.26
N TYR B 17 0.62 20.52 -20.99
CA TYR B 17 1.98 20.88 -20.66
C TYR B 17 2.97 19.75 -20.95
N ASN B 18 2.47 18.62 -21.42
N ASN B 18 2.46 18.61 -21.39
CA ASN B 18 3.31 17.45 -21.75
CA ASN B 18 3.28 17.45 -21.74
C ASN B 18 4.23 17.11 -20.60
C ASN B 18 4.22 17.09 -20.61
N ILE B 19 3.69 16.98 -19.40
CA ILE B 19 4.54 16.69 -18.24
C ILE B 19 5.08 15.27 -18.35
N ASP B 20 6.16 14.98 -17.64
CA ASP B 20 6.71 13.63 -17.73
C ASP B 20 5.74 12.79 -16.88
N ARG B 21 5.03 11.89 -17.55
CA ARG B 21 3.99 11.07 -16.89
C ARG B 21 4.60 10.02 -15.99
N GLU B 22 5.82 9.57 -16.32
CA GLU B 22 6.46 8.56 -15.50
C GLU B 22 6.95 9.16 -14.16
N GLN B 23 7.38 10.42 -14.18
CA GLN B 23 7.78 11.06 -12.92
C GLN B 23 6.51 11.32 -12.06
N ALA B 24 5.44 11.72 -12.71
CA ALA B 24 4.18 11.96 -11.98
C ALA B 24 3.73 10.65 -11.35
N ARG B 25 3.91 9.55 -12.09
N ARG B 25 3.91 9.56 -12.09
CA ARG B 25 3.47 8.24 -11.59
CA ARG B 25 3.47 8.26 -11.59
C ARG B 25 4.29 7.83 -10.36
C ARG B 25 4.29 7.85 -10.37
N ARG B 26 5.60 7.94 -10.47
CA ARG B 26 6.43 7.52 -9.35
C ARG B 26 6.21 8.38 -8.13
N VAL B 27 6.00 9.69 -8.32
CA VAL B 27 5.74 10.60 -7.21
C VAL B 27 4.41 10.30 -6.60
N LEU B 28 3.43 10.07 -7.47
CA LEU B 28 2.09 9.65 -6.96
C LEU B 28 2.13 8.37 -6.09
N GLU B 29 2.87 7.36 -6.54
N GLU B 29 2.84 7.34 -6.56
CA GLU B 29 2.90 6.09 -5.82
CA GLU B 29 2.92 6.11 -5.80
C GLU B 29 3.64 6.21 -4.48
C GLU B 29 3.52 6.38 -4.43
N THR B 30 4.65 7.09 -4.42
CA THR B 30 5.31 7.35 -3.15
C THR B 30 4.35 8.11 -2.23
N THR B 31 3.63 9.08 -2.80
CA THR B 31 2.76 9.97 -2.07
C THR B 31 1.69 9.12 -1.39
N GLU B 32 1.15 8.16 -2.14
CA GLU B 32 0.06 7.33 -1.60
C GLU B 32 0.52 6.47 -0.46
N GLN B 33 1.72 5.92 -0.61
N GLN B 33 1.71 5.89 -0.59
CA GLN B 33 2.33 5.05 0.39
CA GLN B 33 2.27 5.05 0.44
C GLN B 33 2.56 5.78 1.71
C GLN B 33 2.47 5.83 1.73
N LEU B 34 3.00 7.04 1.61
CA LEU B 34 3.27 7.81 2.81
C LEU B 34 1.95 8.32 3.39
N TYR B 35 0.99 8.66 2.53
CA TYR B 35 -0.28 9.21 2.98
C TYR B 35 -0.97 8.20 3.91
N THR B 36 -0.91 6.92 3.52
CA THR B 36 -1.62 5.87 4.29
C THR B 36 -1.01 5.75 5.67
N GLN B 37 0.30 5.90 5.74
CA GLN B 37 1.01 5.77 7.01
C GLN B 37 0.75 6.97 7.90
N TRP B 38 0.83 8.16 7.29
CA TRP B 38 0.48 9.39 7.99
C TRP B 38 -0.96 9.33 8.52
N LEU B 39 -1.90 8.91 7.68
CA LEU B 39 -3.30 8.95 8.08
C LEU B 39 -3.56 8.08 9.30
N ALA B 40 -2.94 6.92 9.33
CA ALA B 40 -3.19 5.95 10.41
C ALA B 40 -2.69 6.54 11.71
N GLN B 41 -1.69 7.42 11.64
CA GLN B 41 -1.22 8.07 12.85
C GLN B 41 -1.90 9.38 13.17
N ASN B 42 -2.62 9.95 12.21
CA ASN B 42 -3.52 10.97 12.63
C ASN B 42 -4.88 10.75 11.97
N THR B 43 -5.76 10.05 12.65
CA THR B 43 -6.97 9.59 11.99
C THR B 43 -7.99 10.72 11.97
N LYS B 44 -7.87 11.63 12.93
CA LYS B 44 -8.85 12.72 13.06
C LYS B 44 -8.60 13.79 12.03
N LEU B 45 -7.47 13.68 11.33
CA LEU B 45 -7.13 14.68 10.33
C LEU B 45 -7.57 14.28 8.92
N VAL B 46 -8.23 13.14 8.78
CA VAL B 46 -8.69 12.67 7.48
C VAL B 46 -9.54 13.70 6.74
N GLN B 47 -9.19 13.95 5.49
CA GLN B 47 -9.92 14.92 4.67
C GLN B 47 -9.97 14.45 3.19
N PRO B 48 -10.94 13.63 2.81
CA PRO B 48 -10.93 13.14 1.42
C PRO B 48 -10.73 14.22 0.35
N GLN B 49 -11.39 15.36 0.46
CA GLN B 49 -11.22 16.40 -0.54
C GLN B 49 -9.76 16.86 -0.67
N LEU B 50 -9.10 17.02 0.47
CA LEU B 50 -7.68 17.40 0.46
C LEU B 50 -6.77 16.26 -0.02
N GLU B 51 -7.11 15.01 0.28
CA GLU B 51 -6.35 13.90 -0.26
C GLU B 51 -6.35 14.00 -1.78
N ALA B 52 -7.53 14.31 -2.36
CA ALA B 52 -7.59 14.39 -3.82
C ALA B 52 -6.71 15.52 -4.36
N LEU B 53 -6.70 16.64 -3.66
CA LEU B 53 -5.89 17.77 -4.09
C LEU B 53 -4.40 17.45 -4.01
N LEU B 54 -4.01 16.71 -2.98
CA LEU B 54 -2.62 16.23 -2.90
C LEU B 54 -2.23 15.36 -4.10
N LYS B 55 -3.15 14.51 -4.52
CA LYS B 55 -2.87 13.66 -5.67
C LYS B 55 -2.75 14.46 -6.94
N TRP B 56 -3.61 15.47 -7.08
CA TRP B 56 -3.46 16.40 -8.25
C TRP B 56 -2.16 17.18 -8.19
N ALA B 57 -1.70 17.57 -7.01
CA ALA B 57 -0.41 18.23 -6.87
C ALA B 57 0.73 17.30 -7.31
N ALA B 58 0.62 16.03 -6.94
CA ALA B 58 1.60 15.08 -7.41
C ALA B 58 1.60 15.04 -8.93
N LEU B 60 0.60 17.29 -11.13
CA LEU B 60 0.82 18.56 -11.80
C LEU B 60 2.04 19.40 -11.38
N HIS B 61 2.85 18.92 -10.44
CA HIS B 61 3.84 19.81 -9.81
C HIS B 61 4.92 20.29 -10.82
N GLU B 62 5.03 19.60 -11.95
CA GLU B 62 6.00 19.98 -12.99
C GLU B 62 5.47 20.84 -14.16
N VAL B 63 4.22 21.26 -14.11
CA VAL B 63 3.67 22.00 -15.25
C VAL B 63 4.46 23.27 -15.57
N GLY B 64 5.18 23.82 -14.59
CA GLY B 64 5.96 25.05 -14.82
C GLY B 64 7.38 24.87 -15.38
N LEU B 65 7.76 23.62 -15.64
CA LEU B 65 9.10 23.33 -16.14
C LEU B 65 9.46 24.01 -17.47
N SER B 66 8.51 24.11 -18.39
N SER B 66 8.51 24.12 -18.38
CA SER B 66 8.79 24.78 -19.67
CA SER B 66 8.79 24.77 -19.66
C SER B 66 9.01 26.29 -19.51
C SER B 66 9.05 26.27 -19.48
N ILE B 67 8.58 26.84 -18.38
CA ILE B 67 8.97 28.23 -18.05
C ILE B 67 10.41 28.18 -17.54
N ASN B 68 10.62 27.51 -16.41
CA ASN B 68 12.02 27.31 -16.03
C ASN B 68 12.22 26.13 -15.09
N HIS B 69 13.39 25.49 -15.11
N HIS B 69 13.37 25.47 -15.19
CA HIS B 69 13.69 24.51 -14.07
CA HIS B 69 13.75 24.47 -14.20
C HIS B 69 14.09 25.26 -12.79
C HIS B 69 14.02 25.18 -12.89
N SER B 70 14.74 26.40 -12.95
N SER B 70 14.80 26.25 -12.95
CA SER B 70 15.03 27.25 -11.81
CA SER B 70 15.01 27.08 -11.77
C SER B 70 13.73 27.87 -11.31
C SER B 70 13.69 27.70 -11.33
N GLY B 71 13.44 27.69 -10.02
CA GLY B 71 12.20 28.23 -9.47
C GLY B 71 10.95 27.48 -9.96
N HIS B 73 8.96 25.35 -8.83
CA HIS B 73 7.83 25.24 -7.92
C HIS B 73 6.96 26.49 -7.96
N ARG B 74 7.63 27.63 -8.09
N ARG B 74 7.61 27.63 -8.14
CA ARG B 74 6.91 28.89 -8.25
CA ARG B 74 6.88 28.90 -8.25
C ARG B 74 6.13 28.92 -9.57
C ARG B 74 6.18 29.08 -9.59
N HIS B 75 6.79 28.57 -10.66
CA HIS B 75 6.18 28.66 -11.97
C HIS B 75 5.01 27.73 -12.12
N SER B 76 5.14 26.53 -11.55
CA SER B 76 4.04 25.55 -11.61
C SER B 76 2.87 26.12 -10.82
N ALA B 77 3.17 26.72 -9.69
CA ALA B 77 2.12 27.29 -8.86
C ALA B 77 1.42 28.44 -9.57
N TYR B 78 2.20 29.26 -10.29
CA TYR B 78 1.64 30.40 -11.01
C TYR B 78 0.63 29.89 -12.03
N ILE B 79 1.03 28.85 -12.76
CA ILE B 79 0.13 28.24 -13.77
C ILE B 79 -1.17 27.70 -13.10
N LEU B 80 -0.99 26.92 -12.05
CA LEU B 80 -2.16 26.36 -11.35
C LEU B 80 -3.08 27.42 -10.74
N GLN B 81 -2.50 28.52 -10.22
CA GLN B 81 -3.33 29.54 -9.58
C GLN B 81 -4.12 30.34 -10.60
N ASN B 82 -3.51 30.57 -11.77
CA ASN B 82 -4.07 31.50 -12.76
C ASN B 82 -4.80 30.97 -13.99
N THR B 83 -4.79 29.66 -14.16
CA THR B 83 -5.45 28.98 -15.29
C THR B 83 -6.91 28.73 -14.88
N ASN B 84 -7.85 28.81 -15.83
CA ASN B 84 -9.22 28.40 -15.48
C ASN B 84 -9.21 26.89 -15.22
N LEU B 85 -9.71 26.44 -14.06
CA LEU B 85 -9.69 25.01 -13.74
C LEU B 85 -11.09 24.52 -13.45
N PRO B 86 -11.83 24.13 -14.49
CA PRO B 86 -13.21 23.69 -14.26
C PRO B 86 -13.29 22.59 -13.22
N GLY B 87 -14.25 22.74 -12.30
CA GLY B 87 -14.49 21.79 -11.22
C GLY B 87 -13.91 22.27 -9.90
N PHE B 88 -12.93 23.16 -10.00
CA PHE B 88 -12.26 23.70 -8.80
C PHE B 88 -12.93 24.99 -8.37
N ASN B 89 -13.28 25.08 -7.08
CA ASN B 89 -13.70 26.37 -6.58
C ASN B 89 -12.41 27.11 -6.16
N GLN B 90 -12.52 28.35 -5.72
CA GLN B 90 -11.33 29.15 -5.46
C GLN B 90 -10.45 28.56 -4.39
N GLU B 91 -11.05 28.12 -3.29
CA GLU B 91 -10.20 27.59 -2.22
C GLU B 91 -9.50 26.27 -2.62
N GLN B 92 -10.17 25.43 -3.42
CA GLN B 92 -9.52 24.21 -3.95
C GLN B 92 -8.36 24.56 -4.87
N GLN B 93 -8.58 25.57 -5.71
CA GLN B 93 -7.54 25.93 -6.66
C GLN B 93 -6.35 26.54 -5.91
N THR B 94 -6.61 27.44 -4.97
CA THR B 94 -5.52 28.06 -4.21
C THR B 94 -4.71 27.01 -3.42
N LEU B 95 -5.41 26.07 -2.82
CA LEU B 95 -4.74 24.97 -2.10
C LEU B 95 -3.89 24.07 -3.01
N LEU B 96 -4.42 23.69 -4.16
CA LEU B 96 -3.59 22.95 -5.12
C LEU B 96 -2.32 23.75 -5.47
N ALA B 97 -2.51 25.01 -5.80
CA ALA B 97 -1.32 25.84 -6.15
C ALA B 97 -0.33 25.91 -5.00
N THR B 98 -0.86 26.00 -3.79
CA THR B 98 -0.05 26.13 -2.58
C THR B 98 0.78 24.86 -2.32
N LEU B 99 0.15 23.71 -2.48
CA LEU B 99 0.84 22.45 -2.27
C LEU B 99 2.05 22.36 -3.19
N VAL B 100 1.85 22.72 -4.45
CA VAL B 100 2.92 22.72 -5.43
C VAL B 100 3.99 23.83 -5.15
N ARG B 101 3.55 25.02 -4.75
CA ARG B 101 4.47 26.14 -4.53
C ARG B 101 5.43 25.82 -3.41
N HIS B 103 6.54 22.77 -2.40
CA HIS B 103 7.05 21.37 -2.41
C HIS B 103 8.57 21.24 -2.45
N ARG B 104 9.23 22.38 -2.61
CA ARG B 104 10.68 22.38 -2.67
C ARG B 104 11.27 23.73 -2.22
N LYS B 105 12.57 23.68 -1.97
CA LYS B 105 13.39 24.74 -1.40
C LYS B 105 12.86 25.27 -0.06
N ALA B 106 12.99 26.56 0.20
CA ALA B 106 12.91 26.98 1.60
C ALA B 106 11.47 27.05 2.02
N ILE B 107 11.19 26.64 3.24
CA ILE B 107 9.82 26.59 3.76
C ILE B 107 9.52 27.88 4.51
N LYS B 108 8.60 28.69 4.01
CA LYS B 108 8.12 29.79 4.85
C LYS B 108 6.63 29.78 5.04
N LEU B 109 6.23 29.58 6.30
CA LEU B 109 4.83 29.39 6.65
C LEU B 109 4.00 30.69 6.56
N ASP B 110 4.69 31.83 6.56
CA ASP B 110 4.01 33.11 6.44
C ASP B 110 3.42 33.25 5.04
N GLU B 111 3.83 32.36 4.13
CA GLU B 111 3.30 32.35 2.76
C GLU B 111 2.09 31.42 2.61
N LEU B 112 1.68 30.81 3.71
CA LEU B 112 0.46 30.00 3.66
C LEU B 112 -0.73 30.90 3.35
N PRO B 113 -1.69 30.41 2.56
CA PRO B 113 -2.86 31.21 2.24
C PRO B 113 -3.81 31.22 3.44
N ARG B 114 -4.61 32.27 3.58
CA ARG B 114 -5.71 32.25 4.52
C ARG B 114 -6.92 31.72 3.77
N LEU B 115 -7.43 30.59 4.24
CA LEU B 115 -8.60 29.98 3.61
C LEU B 115 -9.74 29.85 4.62
N ASN B 116 -10.96 30.14 4.18
CA ASN B 116 -12.11 30.08 5.07
C ASN B 116 -12.44 28.64 5.43
N LEU B 117 -12.59 27.79 4.43
CA LEU B 117 -12.96 26.41 4.67
C LEU B 117 -11.78 25.59 5.20
N PHE B 118 -10.79 25.37 4.36
CA PHE B 118 -9.62 24.54 4.68
C PHE B 118 -8.74 25.16 5.76
N LYS B 119 -8.46 24.40 6.82
N LYS B 119 -8.44 24.38 6.80
CA LYS B 119 -7.58 24.87 7.89
CA LYS B 119 -7.55 24.83 7.87
C LYS B 119 -6.20 24.19 7.82
C LYS B 119 -6.18 24.18 7.78
N LYS B 120 -5.16 24.93 8.21
CA LYS B 120 -3.77 24.46 8.14
C LYS B 120 -3.53 23.10 8.78
N LYS B 121 -4.29 22.82 9.84
CA LYS B 121 -4.06 21.58 10.56
C LYS B 121 -4.36 20.38 9.69
N TYR B 122 -5.29 20.54 8.75
CA TYR B 122 -5.56 19.48 7.78
C TYR B 122 -4.59 19.42 6.59
N TYR B 123 -4.27 20.58 6.02
CA TYR B 123 -3.40 20.57 4.85
C TYR B 123 -1.91 20.78 5.01
N LEU B 124 -1.44 21.24 6.17
CA LEU B 124 0.01 21.43 6.31
C LEU B 124 0.73 20.07 6.24
N PRO B 125 0.17 19.04 6.90
CA PRO B 125 0.82 17.72 6.76
C PRO B 125 0.90 17.27 5.31
N LEU B 126 -0.04 17.68 4.47
CA LEU B 126 -0.01 17.24 3.07
C LEU B 126 1.11 17.93 2.30
N ILE B 127 1.35 19.19 2.64
CA ILE B 127 2.55 19.84 2.15
C ILE B 127 3.80 19.05 2.52
N GLN B 128 3.92 18.67 3.80
CA GLN B 128 5.06 17.86 4.22
C GLN B 128 5.22 16.56 3.42
N LEU B 129 4.11 15.85 3.21
CA LEU B 129 4.10 14.60 2.48
C LEU B 129 4.60 14.81 1.06
N LEU B 130 4.12 15.88 0.43
CA LEU B 130 4.50 16.11 -0.98
C LEU B 130 5.97 16.54 -1.10
N ARG B 131 6.54 17.24 -0.10
CA ARG B 131 7.98 17.57 -0.15
C ARG B 131 8.80 16.30 -0.10
N LEU B 132 8.38 15.39 0.77
CA LEU B 132 9.09 14.10 0.91
C LEU B 132 8.96 13.18 -0.32
N SER B 133 7.78 13.15 -0.91
CA SER B 133 7.51 12.19 -1.99
C SER B 133 8.18 12.64 -3.30
N THR B 134 8.12 13.94 -3.59
CA THR B 134 8.89 14.47 -4.73
C THR B 134 10.40 14.23 -4.54
N LEU B 135 10.94 14.50 -3.34
CA LEU B 135 12.37 14.34 -3.14
C LEU B 135 12.83 12.89 -3.21
N LEU B 136 12.01 11.98 -2.71
CA LEU B 136 12.40 10.57 -2.78
C LEU B 136 12.61 10.14 -4.22
N ASN B 137 11.92 10.84 -5.12
CA ASN B 137 11.98 10.66 -6.58
C ASN B 137 12.90 11.61 -7.37
N ASN B 138 13.68 12.36 -6.63
CA ASN B 138 14.54 13.41 -7.22
C ASN B 138 15.37 12.90 -8.41
N GLN B 139 15.78 11.63 -8.37
CA GLN B 139 16.70 11.11 -9.38
C GLN B 139 15.94 10.64 -10.61
N ARG B 140 14.63 10.84 -10.60
CA ARG B 140 13.77 10.52 -11.76
C ARG B 140 13.83 9.04 -12.18
N GLN B 141 14.06 8.73 -13.47
CA GLN B 141 14.19 7.30 -13.88
C GLN B 141 15.35 6.57 -13.23
N SER B 142 16.32 7.32 -12.71
CA SER B 142 17.44 6.71 -11.98
C SER B 142 17.13 6.54 -10.50
N THR B 143 15.91 6.85 -10.07
CA THR B 143 15.57 6.57 -8.69
C THR B 143 15.70 5.09 -8.36
N THR B 144 16.23 4.81 -7.18
CA THR B 144 16.22 3.46 -6.67
C THR B 144 15.12 3.42 -5.61
N THR B 145 14.02 2.75 -5.92
CA THR B 145 12.89 2.74 -4.98
C THR B 145 13.26 1.87 -3.76
N PRO B 146 13.18 2.43 -2.55
CA PRO B 146 13.52 1.54 -1.43
C PRO B 146 12.49 0.43 -1.27
N GLU B 147 12.93 -0.75 -0.83
CA GLU B 147 12.05 -1.92 -0.68
C GLU B 147 10.97 -1.69 0.36
N SER B 148 11.33 -0.93 1.38
CA SER B 148 10.38 -0.53 2.41
C SER B 148 10.63 0.93 2.82
N LEU B 149 9.60 1.62 3.29
CA LEU B 149 9.83 2.95 3.88
C LEU B 149 8.89 3.12 5.07
N ARG B 150 9.40 3.47 6.24
CA ARG B 150 8.50 3.67 7.36
C ARG B 150 8.47 5.14 7.78
N LEU B 151 7.27 5.68 7.95
CA LEU B 151 7.10 7.08 8.34
C LEU B 151 6.47 7.17 9.71
N ILE B 152 7.19 7.80 10.63
CA ILE B 152 6.70 8.00 11.99
C ILE B 152 6.45 9.48 12.26
N THR B 153 5.25 9.84 12.70
CA THR B 153 4.90 11.24 12.87
C THR B 153 4.56 11.53 14.33
N ASP B 154 5.18 12.56 14.91
CA ASP B 154 4.68 13.11 16.17
C ASP B 154 4.59 14.63 15.96
N ASP B 155 3.37 15.15 15.89
CA ASP B 155 3.21 16.54 15.46
C ASP B 155 4.11 16.67 14.23
N SER B 156 4.93 17.72 14.22
CA SER B 156 5.89 17.98 13.14
C SER B 156 7.31 17.39 13.28
N HIS B 157 7.53 16.51 14.26
CA HIS B 157 8.77 15.75 14.24
C HIS B 157 8.49 14.46 13.49
N TRP B 158 9.06 14.33 12.30
CA TRP B 158 8.77 13.22 11.42
C TRP B 158 10.05 12.42 11.28
N THR B 159 9.90 11.10 11.26
CA THR B 159 11.03 10.20 11.07
C THR B 159 10.78 9.37 9.84
N LEU B 160 11.72 9.39 8.91
CA LEU B 160 11.64 8.48 7.76
C LEU B 160 12.68 7.37 7.96
N ARG B 161 12.23 6.12 8.00
CA ARG B 161 13.14 4.99 8.20
C ARG B 161 13.31 4.19 6.91
N PHE B 162 14.54 4.20 6.39
CA PHE B 162 14.90 3.42 5.20
C PHE B 162 15.35 1.99 5.49
N PRO B 163 15.32 1.14 4.45
CA PRO B 163 15.87 -0.22 4.64
C PRO B 163 17.31 -0.17 5.13
N HIS B 164 17.74 -1.19 5.89
CA HIS B 164 19.12 -1.20 6.37
C HIS B 164 20.09 -1.12 5.17
N GLY B 165 21.09 -0.25 5.27
CA GLY B 165 22.09 -0.14 4.21
C GLY B 165 21.74 0.79 3.07
N TYR B 166 20.47 1.20 2.99
CA TYR B 166 19.97 1.97 1.84
C TYR B 166 20.67 3.31 1.63
N LEU B 167 20.84 4.07 2.70
CA LEU B 167 21.36 5.43 2.59
C LEU B 167 22.86 5.35 2.32
N THR B 168 23.52 4.34 2.86
CA THR B 168 24.92 4.15 2.55
C THR B 168 25.11 3.77 1.08
N GLN B 169 24.20 2.96 0.55
N GLN B 169 24.19 2.95 0.57
CA GLN B 169 24.27 2.54 -0.86
CA GLN B 169 24.24 2.52 -0.82
C GLN B 169 23.74 3.58 -1.82
C GLN B 169 23.79 3.61 -1.78
N ASN B 170 22.87 4.48 -1.36
CA ASN B 170 22.47 5.58 -2.21
C ASN B 170 22.87 6.90 -1.58
N SER B 171 24.03 7.37 -1.98
CA SER B 171 24.63 8.47 -1.23
C SER B 171 24.01 9.78 -1.64
N LEU B 172 23.50 9.82 -2.87
CA LEU B 172 22.89 11.05 -3.39
C LEU B 172 21.54 11.27 -2.70
N VAL B 173 20.86 10.18 -2.38
CA VAL B 173 19.59 10.30 -1.68
C VAL B 173 19.85 10.82 -0.27
N GLN B 174 20.94 10.33 0.31
CA GLN B 174 21.36 10.79 1.62
C GLN B 174 21.63 12.30 1.62
N LEU B 175 22.37 12.79 0.63
CA LEU B 175 22.59 14.23 0.50
C LEU B 175 21.28 15.03 0.29
N ASP B 176 20.40 14.56 -0.59
CA ASP B 176 19.12 15.24 -0.84
C ASP B 176 18.37 15.42 0.48
N PHE B 177 18.35 14.38 1.30
CA PHE B 177 17.58 14.45 2.53
C PHE B 177 18.26 15.26 3.62
N GLU B 178 19.58 15.30 3.59
CA GLU B 178 20.28 16.20 4.50
C GLU B 178 19.86 17.63 4.23
N ARG B 179 19.69 17.96 2.94
CA ARG B 179 19.28 19.32 2.61
C ARG B 179 17.85 19.53 3.14
N GLU B 180 17.00 18.50 3.00
CA GLU B 180 15.63 18.62 3.48
C GLU B 180 15.59 18.77 5.02
N GLN B 181 16.41 18.01 5.71
CA GLN B 181 16.45 18.18 7.17
C GLN B 181 16.84 19.62 7.52
N ALA B 182 17.81 20.18 6.82
CA ALA B 182 18.18 21.57 7.09
C ALA B 182 17.01 22.53 6.84
N TYR B 183 16.24 22.34 5.78
CA TYR B 183 15.05 23.13 5.57
C TYR B 183 14.05 23.01 6.74
N TRP B 184 13.83 21.81 7.27
CA TRP B 184 12.89 21.63 8.38
C TRP B 184 13.40 22.31 9.66
N ASP B 185 14.72 22.28 9.88
CA ASP B 185 15.32 22.88 11.08
C ASP B 185 15.00 24.36 11.15
N ASP B 186 14.81 24.97 9.99
CA ASP B 186 14.54 26.40 9.92
C ASP B 186 13.07 26.75 10.15
N VAL B 187 12.23 25.74 10.34
CA VAL B 187 10.83 25.98 10.66
C VAL B 187 10.59 25.66 12.13
N VAL B 188 10.00 26.61 12.86
CA VAL B 188 9.75 26.42 14.28
C VAL B 188 8.90 25.17 14.54
N GLY B 189 9.39 24.29 15.40
CA GLY B 189 8.64 23.09 15.73
C GLY B 189 8.78 21.94 14.75
N TRP B 190 9.47 22.15 13.62
CA TRP B 190 9.67 21.05 12.69
C TRP B 190 10.99 20.34 12.93
N LYS B 191 10.95 19.02 12.87
CA LYS B 191 12.18 18.23 12.83
C LYS B 191 12.04 17.01 11.92
N LEU B 192 13.02 16.79 11.05
CA LEU B 192 13.01 15.62 10.18
C LEU B 192 14.18 14.71 10.50
N VAL B 193 13.85 13.51 10.99
CA VAL B 193 14.85 12.52 11.33
C VAL B 193 14.91 11.45 10.24
N ILE B 194 16.13 11.04 9.90
CA ILE B 194 16.36 10.09 8.82
C ILE B 194 17.13 8.90 9.37
N GLU B 195 16.52 7.72 9.28
CA GLU B 195 17.05 6.52 9.91
C GLU B 195 17.08 5.34 8.94
N GLU B 196 17.80 4.30 9.32
CA GLU B 196 17.72 3.00 8.68
C GLU B 196 17.18 1.95 9.63
N GLU B 197 16.49 0.96 9.07
CA GLU B 197 16.13 -0.23 9.83
C GLU B 197 17.40 -0.79 10.45
N GLU B 198 17.30 -1.21 11.70
CA GLU B 198 18.43 -1.77 12.41
C GLU B 198 18.04 -3.06 13.13
#